data_3MTE
#
_entry.id   3MTE
#
_cell.length_a   49.651
_cell.length_b   59.816
_cell.length_c   91.697
_cell.angle_alpha   90.00
_cell.angle_beta   96.29
_cell.angle_gamma   90.00
#
_symmetry.space_group_name_H-M   'P 1 21 1'
#
loop_
_entity.id
_entity.type
_entity.pdbx_description
1 polymer '16S rRNA methylase'
2 non-polymer S-ADENOSYLMETHIONINE
3 water water
#
_entity_poly.entity_id   1
_entity_poly.type   'polypeptide(L)'
_entity_poly.pdbx_seq_one_letter_code
;MGSMLILKGTKTVDLSKDELTEIIGQFDRVHIDLGTGDGRNIYKLAINDQNTFYIGIDPVKENLFDISKKIIKKPSKGGL
SNVVFVIAAAESLPFELKNIADSISILFPWGTLLEYVIKPNRDILSNVADLAKKEAHFEFVTTYSDSYEEAEIKKRGLPL
LSKAYFLSEQYKAELSNSGFRIDDVKELDNEYVKQFNSLWAKRLAFGRKRSFFRVSGHVSKH
;
_entity_poly.pdbx_strand_id   A,B
#
loop_
_chem_comp.id
_chem_comp.type
_chem_comp.name
_chem_comp.formula
SAM non-polymer S-ADENOSYLMETHIONINE 'C15 H22 N6 O5 S'
#
# COMPACT_ATOMS: atom_id res chain seq x y z
N MET A 4 -0.06 33.24 -1.79
CA MET A 4 -0.03 31.77 -1.72
C MET A 4 0.50 31.31 -0.36
N LEU A 5 -0.21 30.39 0.28
CA LEU A 5 0.18 29.91 1.60
C LEU A 5 0.84 28.54 1.50
N ILE A 6 2.01 28.42 2.11
CA ILE A 6 2.64 27.11 2.21
C ILE A 6 2.82 26.71 3.66
N LEU A 7 3.13 25.43 3.86
CA LEU A 7 3.34 24.88 5.21
C LEU A 7 4.82 24.74 5.48
N LYS A 8 5.29 25.30 6.58
CA LYS A 8 6.66 25.11 7.05
C LYS A 8 6.53 24.51 8.44
N GLY A 9 6.71 23.21 8.53
CA GLY A 9 6.35 22.50 9.75
C GLY A 9 4.85 22.57 9.93
N THR A 10 4.42 23.02 11.11
CA THR A 10 3.00 23.18 11.38
C THR A 10 2.54 24.62 11.19
N LYS A 11 3.44 25.50 10.74
CA LYS A 11 3.10 26.91 10.56
C LYS A 11 2.87 27.24 9.09
N THR A 12 1.88 28.09 8.82
CA THR A 12 1.64 28.55 7.45
C THR A 12 2.39 29.85 7.18
N VAL A 13 3.06 29.92 6.04
CA VAL A 13 3.82 31.12 5.68
C VAL A 13 3.53 31.50 4.24
N ASP A 14 3.75 32.77 3.91
CA ASP A 14 3.52 33.25 2.56
C ASP A 14 4.68 32.87 1.66
N LEU A 15 4.39 32.52 0.42
CA LEU A 15 5.43 32.28 -0.59
C LEU A 15 5.11 33.10 -1.83
N SER A 16 6.02 34.00 -2.22
CA SER A 16 5.79 34.85 -3.39
C SER A 16 6.07 34.11 -4.70
N LYS A 17 5.56 34.67 -5.81
CA LYS A 17 5.88 34.14 -7.12
C LYS A 17 7.39 34.15 -7.33
N ASP A 18 8.04 35.24 -6.93
CA ASP A 18 9.49 35.34 -7.12
C ASP A 18 10.26 34.29 -6.31
N GLU A 19 9.83 34.04 -5.08
CA GLU A 19 10.42 32.97 -4.28
C GLU A 19 10.22 31.60 -4.92
N LEU A 20 9.01 31.35 -5.41
CA LEU A 20 8.69 30.08 -6.06
C LEU A 20 9.56 29.88 -7.29
N THR A 21 9.68 30.93 -8.09
CA THR A 21 10.49 30.90 -9.30
C THR A 21 11.94 30.52 -8.99
N GLU A 22 12.48 31.08 -7.92
CA GLU A 22 13.85 30.78 -7.54
C GLU A 22 14.02 29.32 -7.11
N ILE A 23 13.03 28.81 -6.39
CA ILE A 23 13.04 27.40 -5.97
C ILE A 23 12.99 26.43 -7.17
N ILE A 24 12.03 26.60 -8.05
CA ILE A 24 11.89 25.67 -9.16
C ILE A 24 12.98 25.85 -10.22
N GLY A 25 13.70 26.96 -10.15
CA GLY A 25 14.80 27.20 -11.07
C GLY A 25 15.86 26.11 -10.96
N GLN A 26 15.87 25.40 -9.84
CA GLN A 26 16.89 24.38 -9.56
C GLN A 26 16.48 22.99 -10.05
N PHE A 27 15.31 22.90 -10.67
CA PHE A 27 14.77 21.61 -11.11
C PHE A 27 14.36 21.61 -12.57
N ASP A 28 14.58 20.47 -13.24
CA ASP A 28 14.20 20.34 -14.64
C ASP A 28 12.68 20.17 -14.78
N ARG A 29 12.06 19.51 -13.80
CA ARG A 29 10.62 19.24 -13.87
C ARG A 29 9.90 19.60 -12.58
N VAL A 30 8.62 19.92 -12.73
CA VAL A 30 7.74 20.23 -11.59
C VAL A 30 6.48 19.36 -11.66
N HIS A 31 6.13 18.72 -10.56
CA HIS A 31 4.90 17.93 -10.50
C HIS A 31 3.95 18.50 -9.47
N ILE A 32 2.66 18.61 -9.80
CA ILE A 32 1.65 19.05 -8.84
C ILE A 32 0.69 17.92 -8.53
N ASP A 33 0.51 17.64 -7.25
CA ASP A 33 -0.47 16.64 -6.81
C ASP A 33 -1.60 17.38 -6.07
N LEU A 34 -2.80 17.39 -6.65
CA LEU A 34 -3.91 18.16 -6.12
C LEU A 34 -4.78 17.31 -5.20
N GLY A 35 -5.08 17.81 -4.00
CA GLY A 35 -5.80 17.01 -3.02
C GLY A 35 -4.87 15.91 -2.52
N THR A 36 -3.69 16.34 -2.07
CA THR A 36 -2.56 15.44 -1.81
C THR A 36 -2.72 14.61 -0.53
N GLY A 37 -3.57 15.06 0.39
CA GLY A 37 -3.91 14.24 1.56
C GLY A 37 -2.84 14.33 2.64
N ASP A 38 -2.30 13.18 3.07
CA ASP A 38 -1.36 13.18 4.20
C ASP A 38 0.10 13.46 3.81
N GLY A 39 0.36 13.65 2.52
CA GLY A 39 1.71 13.98 2.07
C GLY A 39 2.62 12.79 1.84
N ARG A 40 2.18 11.60 2.25
CA ARG A 40 3.03 10.42 2.15
C ARG A 40 3.31 9.97 0.71
N ASN A 41 2.32 10.09 -0.17
CA ASN A 41 2.55 9.78 -1.58
C ASN A 41 3.63 10.68 -2.16
N ILE A 42 3.49 11.99 -1.96
CA ILE A 42 4.46 12.98 -2.45
C ILE A 42 5.84 12.78 -1.86
N TYR A 43 5.89 12.49 -0.56
CA TYR A 43 7.18 12.26 0.09
C TYR A 43 7.97 11.15 -0.59
N LYS A 44 7.29 10.02 -0.84
CA LYS A 44 7.93 8.87 -1.46
C LYS A 44 8.43 9.21 -2.86
N LEU A 45 7.59 9.87 -3.65
CA LEU A 45 7.98 10.30 -4.99
C LEU A 45 9.20 11.22 -4.94
N ALA A 46 9.16 12.19 -4.03
CA ALA A 46 10.22 13.21 -3.95
C ALA A 46 11.55 12.61 -3.53
N ILE A 47 11.52 11.72 -2.54
CA ILE A 47 12.78 11.16 -2.04
C ILE A 47 13.45 10.31 -3.12
N ASN A 48 12.65 9.71 -3.99
CA ASN A 48 13.17 8.86 -5.05
C ASN A 48 13.47 9.57 -6.37
N ASP A 49 13.07 10.84 -6.47
CA ASP A 49 13.36 11.64 -7.66
C ASP A 49 13.76 13.05 -7.31
N GLN A 50 15.04 13.25 -7.05
CA GLN A 50 15.56 14.55 -6.65
C GLN A 50 15.66 15.55 -7.80
N ASN A 51 15.29 15.12 -9.00
CA ASN A 51 15.37 15.99 -10.18
C ASN A 51 14.02 16.62 -10.54
N THR A 52 13.02 16.36 -9.71
CA THR A 52 11.69 16.93 -9.89
C THR A 52 11.33 17.66 -8.61
N PHE A 53 10.71 18.82 -8.75
CA PHE A 53 10.17 19.54 -7.61
C PHE A 53 8.68 19.21 -7.45
N TYR A 54 8.31 18.74 -6.26
CA TYR A 54 6.96 18.25 -5.98
C TYR A 54 6.13 19.24 -5.17
N ILE A 55 4.99 19.61 -5.71
CA ILE A 55 4.06 20.50 -5.02
C ILE A 55 2.80 19.70 -4.69
N GLY A 56 2.51 19.56 -3.39
CA GLY A 56 1.30 18.91 -2.94
C GLY A 56 0.33 19.96 -2.43
N ILE A 57 -0.88 19.97 -2.97
CA ILE A 57 -1.89 20.96 -2.61
C ILE A 57 -3.00 20.28 -1.83
N ASP A 58 -3.33 20.83 -0.66
CA ASP A 58 -4.49 20.35 0.11
C ASP A 58 -5.08 21.49 0.94
N PRO A 59 -6.41 21.52 1.04
CA PRO A 59 -7.11 22.57 1.80
C PRO A 59 -7.08 22.34 3.31
N VAL A 60 -6.77 21.14 3.76
CA VAL A 60 -6.75 20.86 5.20
C VAL A 60 -5.31 20.68 5.68
N LYS A 61 -4.74 21.74 6.25
CA LYS A 61 -3.31 21.73 6.55
C LYS A 61 -2.92 20.70 7.59
N GLU A 62 -3.82 20.42 8.53
CA GLU A 62 -3.55 19.48 9.60
C GLU A 62 -3.29 18.06 9.07
N ASN A 63 -3.86 17.74 7.90
CA ASN A 63 -3.62 16.45 7.25
C ASN A 63 -2.14 16.27 6.94
N LEU A 64 -1.44 17.40 6.78
CA LEU A 64 -0.07 17.41 6.30
C LEU A 64 0.97 17.61 7.39
N PHE A 65 0.54 17.86 8.63
CA PHE A 65 1.48 18.28 9.68
C PHE A 65 2.67 17.34 9.84
N ASP A 66 2.39 16.04 9.91
CA ASP A 66 3.44 15.09 10.22
C ASP A 66 4.51 15.00 9.13
N ILE A 67 4.07 14.92 7.88
CA ILE A 67 5.05 14.86 6.79
C ILE A 67 5.71 16.22 6.61
N SER A 68 4.95 17.30 6.85
CA SER A 68 5.54 18.64 6.78
C SER A 68 6.67 18.82 7.80
N LYS A 69 6.49 18.32 9.02
CA LYS A 69 7.54 18.35 10.03
C LYS A 69 8.74 17.51 9.63
N LYS A 70 8.48 16.42 8.91
CA LYS A 70 9.58 15.55 8.50
C LYS A 70 10.45 16.20 7.43
N ILE A 71 9.84 16.81 6.43
CA ILE A 71 10.62 17.35 5.32
C ILE A 71 11.55 18.50 5.71
N ILE A 72 11.25 19.18 6.82
CA ILE A 72 12.13 20.26 7.28
C ILE A 72 13.27 19.80 8.20
N LYS A 73 13.32 18.52 8.52
CA LYS A 73 14.46 18.01 9.31
C LYS A 73 15.72 18.00 8.44
N LYS A 74 16.87 17.71 9.05
CA LYS A 74 18.09 17.51 8.28
C LYS A 74 17.92 16.30 7.39
N PRO A 75 18.65 16.26 6.26
CA PRO A 75 18.52 15.15 5.31
C PRO A 75 18.74 13.79 5.97
N SER A 76 19.65 13.72 6.92
CA SER A 76 19.96 12.45 7.59
C SER A 76 18.78 11.95 8.42
N LYS A 77 17.85 12.86 8.72
CA LYS A 77 16.65 12.51 9.47
C LYS A 77 15.38 12.55 8.63
N GLY A 78 15.52 12.54 7.31
CA GLY A 78 14.37 12.47 6.42
C GLY A 78 13.96 13.76 5.72
N GLY A 79 14.71 14.84 5.96
CA GLY A 79 14.42 16.12 5.33
C GLY A 79 14.58 16.07 3.83
N LEU A 80 13.76 16.85 3.11
CA LEU A 80 13.86 16.97 1.65
C LEU A 80 13.88 18.45 1.25
N SER A 81 14.48 18.77 0.10
N SER A 81 14.49 18.74 0.10
CA SER A 81 14.47 20.15 -0.38
CA SER A 81 14.57 20.10 -0.44
C SER A 81 13.60 20.32 -1.63
C SER A 81 13.86 20.22 -1.80
N ASN A 82 13.07 19.22 -2.14
CA ASN A 82 12.28 19.24 -3.38
C ASN A 82 10.78 19.03 -3.18
N VAL A 83 10.27 19.47 -2.03
CA VAL A 83 8.83 19.35 -1.73
C VAL A 83 8.32 20.61 -1.08
N VAL A 84 7.16 21.09 -1.54
CA VAL A 84 6.45 22.14 -0.82
C VAL A 84 4.98 21.75 -0.75
N PHE A 85 4.33 22.10 0.37
CA PHE A 85 2.90 21.85 0.50
C PHE A 85 2.16 23.17 0.45
N VAL A 86 1.25 23.29 -0.52
CA VAL A 86 0.46 24.49 -0.68
C VAL A 86 -0.91 24.27 -0.05
N ILE A 87 -1.35 25.24 0.75
CA ILE A 87 -2.66 25.15 1.38
C ILE A 87 -3.69 25.89 0.54
N ALA A 88 -4.49 25.14 -0.21
CA ALA A 88 -5.48 25.76 -1.09
C ALA A 88 -6.49 24.69 -1.52
N ALA A 89 -7.62 25.15 -2.04
CA ALA A 89 -8.62 24.26 -2.60
C ALA A 89 -8.70 24.41 -4.12
N ALA A 90 -9.21 23.37 -4.77
CA ALA A 90 -9.42 23.35 -6.21
C ALA A 90 -10.25 24.54 -6.71
N GLU A 91 -11.19 25.02 -5.88
CA GLU A 91 -12.08 26.11 -6.30
C GLU A 91 -11.40 27.46 -6.25
N SER A 92 -10.24 27.52 -5.63
N SER A 92 -10.26 27.55 -5.60
CA SER A 92 -9.54 28.79 -5.47
CA SER A 92 -9.54 28.83 -5.55
C SER A 92 -8.03 28.60 -5.47
C SER A 92 -8.04 28.61 -5.49
N LEU A 93 -7.49 28.18 -6.61
CA LEU A 93 -6.07 27.90 -6.72
C LEU A 93 -5.26 29.20 -6.84
N PRO A 94 -4.06 29.22 -6.25
CA PRO A 94 -3.22 30.41 -6.28
C PRO A 94 -2.76 30.73 -7.70
N PHE A 95 -2.90 31.99 -8.09
CA PHE A 95 -2.44 32.50 -9.38
C PHE A 95 -0.96 32.18 -9.62
N GLU A 96 -0.18 32.12 -8.54
CA GLU A 96 1.27 31.90 -8.64
C GLU A 96 1.64 30.53 -9.23
N LEU A 97 0.72 29.59 -9.19
CA LEU A 97 0.98 28.25 -9.71
C LEU A 97 0.61 28.08 -11.18
N LYS A 98 0.22 29.17 -11.83
CA LYS A 98 -0.21 29.07 -13.23
C LYS A 98 0.93 28.65 -14.15
N ASN A 99 0.65 27.68 -15.03
CA ASN A 99 1.59 27.34 -16.10
C ASN A 99 2.95 26.80 -15.58
N ILE A 100 2.92 26.13 -14.43
CA ILE A 100 4.16 25.70 -13.79
C ILE A 100 4.47 24.19 -13.92
N ALA A 101 3.44 23.36 -14.00
CA ALA A 101 3.63 21.91 -13.87
C ALA A 101 3.93 21.18 -15.17
N ASP A 102 4.92 20.29 -15.13
CA ASP A 102 5.17 19.37 -16.24
C ASP A 102 4.24 18.17 -16.18
N SER A 103 3.69 17.92 -15.00
CA SER A 103 2.74 16.82 -14.83
C SER A 103 1.86 17.13 -13.63
N ILE A 104 0.65 16.57 -13.63
N ILE A 104 0.67 16.53 -13.59
CA ILE A 104 -0.27 16.78 -12.53
CA ILE A 104 -0.27 16.82 -12.52
C ILE A 104 -0.95 15.47 -12.21
C ILE A 104 -1.13 15.60 -12.25
N SER A 105 -1.39 15.32 -10.97
CA SER A 105 -2.19 14.16 -10.58
C SER A 105 -3.30 14.57 -9.63
N ILE A 106 -4.44 13.87 -9.74
CA ILE A 106 -5.46 13.88 -8.70
C ILE A 106 -5.68 12.42 -8.33
N LEU A 107 -5.26 12.03 -7.14
CA LEU A 107 -5.27 10.62 -6.74
C LEU A 107 -6.28 10.35 -5.62
N PHE A 108 -7.22 9.46 -5.91
CA PHE A 108 -8.25 9.07 -4.95
C PHE A 108 -9.00 10.26 -4.35
N PRO A 109 -9.45 11.19 -5.21
CA PRO A 109 -10.21 12.30 -4.63
C PRO A 109 -11.51 11.81 -4.04
N TRP A 110 -12.07 12.55 -3.09
CA TRP A 110 -13.39 12.20 -2.58
C TRP A 110 -14.25 13.44 -2.45
N GLY A 111 -15.50 13.26 -2.04
CA GLY A 111 -16.39 14.39 -1.82
C GLY A 111 -16.48 15.32 -3.02
N THR A 112 -16.42 16.62 -2.76
CA THR A 112 -16.65 17.59 -3.82
C THR A 112 -15.62 17.51 -4.93
N LEU A 113 -14.37 17.27 -4.58
CA LEU A 113 -13.31 17.13 -5.59
C LEU A 113 -13.57 15.96 -6.53
N LEU A 114 -14.02 14.86 -5.96
CA LEU A 114 -14.36 13.71 -6.81
C LEU A 114 -15.47 14.09 -7.78
N GLU A 115 -16.48 14.81 -7.29
CA GLU A 115 -17.57 15.23 -8.16
C GLU A 115 -17.06 16.11 -9.30
N TYR A 116 -16.11 16.99 -9.00
CA TYR A 116 -15.57 17.89 -10.04
C TYR A 116 -14.89 17.07 -11.14
N VAL A 117 -14.24 15.97 -10.75
CA VAL A 117 -13.52 15.15 -11.70
C VAL A 117 -14.46 14.31 -12.56
N ILE A 118 -15.51 13.76 -11.94
CA ILE A 118 -16.34 12.80 -12.66
C ILE A 118 -17.48 13.41 -13.47
N LYS A 119 -17.96 14.58 -13.07
CA LYS A 119 -19.07 15.21 -13.77
C LYS A 119 -18.82 15.44 -15.28
N PRO A 120 -17.74 16.15 -15.63
CA PRO A 120 -16.81 16.90 -14.79
C PRO A 120 -17.25 18.35 -14.65
N ASN A 121 -16.75 19.04 -13.64
CA ASN A 121 -16.99 20.46 -13.49
C ASN A 121 -16.00 21.21 -14.37
N ARG A 122 -16.49 21.80 -15.46
CA ARG A 122 -15.64 22.43 -16.47
CA ARG A 122 -15.62 22.41 -16.46
C ARG A 122 -14.83 23.58 -15.90
N ASP A 123 -15.50 24.42 -15.11
CA ASP A 123 -14.87 25.62 -14.58
C ASP A 123 -13.73 25.26 -13.64
N ILE A 124 -13.96 24.28 -12.79
CA ILE A 124 -12.93 23.83 -11.86
C ILE A 124 -11.79 23.16 -12.60
N LEU A 125 -12.10 22.22 -13.50
CA LEU A 125 -11.04 21.51 -14.20
C LEU A 125 -10.22 22.45 -15.10
N SER A 126 -10.87 23.47 -15.64
N SER A 126 -10.88 23.48 -15.63
CA SER A 126 -10.14 24.47 -16.44
CA SER A 126 -10.16 24.48 -16.43
C SER A 126 -9.10 25.16 -15.57
C SER A 126 -9.10 25.16 -15.57
N ASN A 127 -9.44 25.44 -14.33
CA ASN A 127 -8.49 26.09 -13.43
C ASN A 127 -7.37 25.15 -13.03
N VAL A 128 -7.68 23.86 -12.90
CA VAL A 128 -6.66 22.84 -12.68
C VAL A 128 -5.72 22.74 -13.89
N ALA A 129 -6.28 22.72 -15.10
CA ALA A 129 -5.47 22.65 -16.31
C ALA A 129 -4.55 23.88 -16.41
N ASP A 130 -5.02 25.01 -15.90
CA ASP A 130 -4.23 26.24 -15.92
C ASP A 130 -2.93 26.12 -15.14
N LEU A 131 -2.86 25.16 -14.23
CA LEU A 131 -1.65 24.95 -13.43
C LEU A 131 -0.54 24.31 -14.24
N ALA A 132 -0.91 23.73 -15.38
CA ALA A 132 0.02 22.92 -16.12
C ALA A 132 0.56 23.61 -17.35
N LYS A 133 1.76 23.22 -17.75
CA LYS A 133 2.34 23.72 -18.99
C LYS A 133 1.72 22.98 -20.15
N LYS A 134 1.81 23.58 -21.34
CA LYS A 134 1.31 22.96 -22.55
C LYS A 134 1.81 21.52 -22.65
N GLU A 135 0.87 20.59 -22.87
CA GLU A 135 1.18 19.17 -23.03
C GLU A 135 1.71 18.46 -21.78
N ALA A 136 1.48 19.05 -20.61
CA ALA A 136 1.80 18.37 -19.36
C ALA A 136 1.05 17.05 -19.28
N HIS A 137 1.66 16.06 -18.64
CA HIS A 137 0.97 14.80 -18.37
C HIS A 137 -0.06 14.98 -17.26
N PHE A 138 -1.18 14.26 -17.32
CA PHE A 138 -2.10 14.22 -16.19
C PHE A 138 -2.57 12.82 -15.94
N GLU A 139 -2.89 12.52 -14.69
CA GLU A 139 -3.66 11.31 -14.36
C GLU A 139 -4.64 11.59 -13.24
N PHE A 140 -5.85 11.04 -13.38
CA PHE A 140 -6.86 11.12 -12.33
C PHE A 140 -7.16 9.66 -11.96
N VAL A 141 -7.02 9.32 -10.69
CA VAL A 141 -7.34 7.95 -10.26
C VAL A 141 -8.52 7.99 -9.30
N THR A 142 -9.63 7.33 -9.65
CA THR A 142 -10.87 7.51 -8.89
C THR A 142 -11.46 6.18 -8.45
N THR A 143 -12.23 6.25 -7.36
CA THR A 143 -13.00 5.14 -6.82
C THR A 143 -13.98 5.76 -5.81
N TYR A 144 -15.07 5.07 -5.47
CA TYR A 144 -15.92 5.55 -4.39
C TYR A 144 -15.23 5.28 -3.07
N SER A 145 -15.24 6.26 -2.16
CA SER A 145 -14.57 6.09 -0.87
C SER A 145 -15.26 5.07 0.02
N ASP A 146 -16.59 5.05 -0.02
CA ASP A 146 -17.36 4.05 0.71
C ASP A 146 -18.77 3.96 0.14
N SER A 147 -19.56 3.01 0.64
CA SER A 147 -20.87 2.79 0.07
C SER A 147 -21.74 4.04 0.24
N TYR A 148 -21.54 4.76 1.33
CA TYR A 148 -22.33 5.97 1.56
C TYR A 148 -22.01 7.05 0.54
N GLU A 149 -20.73 7.23 0.24
CA GLU A 149 -20.36 8.23 -0.74
C GLU A 149 -20.91 7.85 -2.11
N GLU A 150 -20.85 6.56 -2.42
CA GLU A 150 -21.42 6.08 -3.67
C GLU A 150 -22.90 6.44 -3.74
N ALA A 151 -23.62 6.17 -2.67
CA ALA A 151 -25.05 6.47 -2.62
C ALA A 151 -25.31 7.97 -2.76
N GLU A 152 -24.48 8.78 -2.12
CA GLU A 152 -24.66 10.23 -2.13
C GLU A 152 -24.48 10.80 -3.55
N ILE A 153 -23.42 10.36 -4.23
CA ILE A 153 -23.15 10.83 -5.58
C ILE A 153 -24.28 10.43 -6.53
N LYS A 154 -24.72 9.19 -6.39
CA LYS A 154 -25.81 8.63 -7.18
C LYS A 154 -27.14 9.36 -6.94
N LYS A 155 -27.40 9.67 -5.67
CA LYS A 155 -28.61 10.39 -5.29
C LYS A 155 -28.63 11.79 -5.94
N ARG A 156 -27.46 12.40 -6.07
CA ARG A 156 -27.37 13.74 -6.65
C ARG A 156 -27.39 13.72 -8.18
N GLY A 157 -27.53 12.53 -8.77
CA GLY A 157 -27.68 12.40 -10.20
C GLY A 157 -26.37 12.57 -10.97
N LEU A 158 -25.26 12.31 -10.30
CA LEU A 158 -23.95 12.33 -10.96
C LEU A 158 -23.69 10.99 -11.62
N PRO A 159 -22.87 10.98 -12.68
CA PRO A 159 -22.60 9.75 -13.44
C PRO A 159 -21.97 8.69 -12.55
N LEU A 160 -22.26 7.41 -12.82
CA LEU A 160 -21.70 6.32 -12.03
C LEU A 160 -20.28 5.99 -12.49
N LEU A 161 -19.38 5.78 -11.54
CA LEU A 161 -17.98 5.45 -11.86
C LEU A 161 -17.87 4.14 -12.61
N SER A 162 -17.46 4.20 -13.87
CA SER A 162 -17.19 2.99 -14.63
C SER A 162 -16.20 3.30 -15.72
N LYS A 163 -15.53 2.26 -16.23
CA LYS A 163 -14.64 2.45 -17.35
C LYS A 163 -15.42 2.93 -18.56
N ALA A 164 -16.59 2.32 -18.78
CA ALA A 164 -17.46 2.70 -19.91
C ALA A 164 -17.78 4.19 -19.90
N TYR A 165 -18.10 4.73 -18.73
CA TYR A 165 -18.39 6.15 -18.64
C TYR A 165 -17.19 7.03 -18.98
N PHE A 166 -16.02 6.69 -18.41
CA PHE A 166 -14.83 7.47 -18.66
C PHE A 166 -14.35 7.35 -20.11
N LEU A 167 -14.74 6.25 -20.77
CA LEU A 167 -14.46 6.07 -22.20
C LEU A 167 -15.46 6.79 -23.10
N SER A 168 -16.56 7.27 -22.53
CA SER A 168 -17.66 7.79 -23.34
C SER A 168 -17.25 9.02 -24.13
N GLU A 169 -17.87 9.20 -25.29
CA GLU A 169 -17.57 10.36 -26.10
C GLU A 169 -17.91 11.63 -25.33
N GLN A 170 -18.91 11.56 -24.46
CA GLN A 170 -19.33 12.74 -23.71
C GLN A 170 -18.30 13.15 -22.65
N TYR A 171 -17.82 12.19 -21.86
CA TYR A 171 -16.81 12.52 -20.85
C TYR A 171 -15.56 13.03 -21.53
N LYS A 172 -15.14 12.35 -22.59
CA LYS A 172 -13.94 12.77 -23.33
C LYS A 172 -14.07 14.20 -23.86
N ALA A 173 -15.23 14.52 -24.44
CA ALA A 173 -15.46 15.86 -24.97
C ALA A 173 -15.47 16.92 -23.88
N GLU A 174 -16.11 16.60 -22.75
CA GLU A 174 -16.17 17.52 -21.63
C GLU A 174 -14.79 17.77 -21.03
N LEU A 175 -14.00 16.73 -20.87
CA LEU A 175 -12.64 16.94 -20.36
C LEU A 175 -11.86 17.78 -21.36
N SER A 176 -12.03 17.49 -22.65
CA SER A 176 -11.36 18.25 -23.69
C SER A 176 -11.69 19.74 -23.63
N ASN A 177 -12.96 20.05 -23.39
CA ASN A 177 -13.39 21.44 -23.21
C ASN A 177 -12.74 22.08 -21.99
N SER A 178 -12.33 21.26 -21.03
CA SER A 178 -11.68 21.74 -19.82
C SER A 178 -10.17 21.82 -20.00
N GLY A 179 -9.67 21.33 -21.14
CA GLY A 179 -8.26 21.37 -21.45
C GLY A 179 -7.49 20.08 -21.17
N PHE A 180 -8.20 18.98 -21.04
CA PHE A 180 -7.55 17.67 -20.87
C PHE A 180 -7.83 16.73 -22.05
N ARG A 181 -6.77 16.22 -22.67
CA ARG A 181 -6.92 15.24 -23.74
CA ARG A 181 -6.91 15.24 -23.74
C ARG A 181 -6.70 13.84 -23.19
N ILE A 182 -7.78 13.04 -23.11
CA ILE A 182 -7.66 11.68 -22.60
C ILE A 182 -6.90 10.80 -23.60
N ASP A 183 -5.83 10.17 -23.14
CA ASP A 183 -5.04 9.25 -23.96
C ASP A 183 -5.35 7.81 -23.61
N ASP A 184 -5.72 7.58 -22.36
CA ASP A 184 -5.89 6.21 -21.87
C ASP A 184 -6.91 6.16 -20.73
N VAL A 185 -7.68 5.07 -20.66
CA VAL A 185 -8.55 4.81 -19.52
C VAL A 185 -8.38 3.35 -19.12
N LYS A 186 -8.04 3.12 -17.86
CA LYS A 186 -7.78 1.78 -17.36
C LYS A 186 -8.61 1.51 -16.13
N GLU A 187 -9.06 0.27 -16.00
CA GLU A 187 -9.62 -0.16 -14.73
C GLU A 187 -8.53 -0.88 -13.97
N LEU A 188 -8.32 -0.50 -12.71
CA LEU A 188 -7.25 -1.07 -11.89
C LEU A 188 -7.80 -1.80 -10.67
N ASP A 189 -6.96 -2.58 -10.00
CA ASP A 189 -7.44 -3.40 -8.89
C ASP A 189 -6.78 -3.02 -7.57
N ASN A 190 -7.19 -3.66 -6.49
CA ASN A 190 -6.63 -3.36 -5.17
C ASN A 190 -5.12 -3.50 -5.18
N GLU A 191 -4.62 -4.47 -5.94
CA GLU A 191 -3.19 -4.74 -5.93
C GLU A 191 -2.37 -3.56 -6.45
N TYR A 192 -2.89 -2.90 -7.48
CA TYR A 192 -2.24 -1.71 -8.02
C TYR A 192 -2.10 -0.62 -6.96
N VAL A 193 -3.16 -0.44 -6.18
CA VAL A 193 -3.23 0.63 -5.18
C VAL A 193 -2.23 0.41 -4.03
N LYS A 194 -1.83 -0.84 -3.80
CA LYS A 194 -0.86 -1.14 -2.76
C LYS A 194 0.49 -0.43 -2.96
N GLN A 195 0.74 0.02 -4.18
CA GLN A 195 1.99 0.74 -4.49
C GLN A 195 2.07 2.10 -3.81
N PHE A 196 0.93 2.66 -3.44
CA PHE A 196 0.90 4.02 -2.88
C PHE A 196 1.25 3.99 -1.39
N ASN A 197 1.71 5.12 -0.88
CA ASN A 197 2.17 5.18 0.51
C ASN A 197 1.25 5.88 1.51
N SER A 198 0.19 6.51 1.05
CA SER A 198 -0.70 7.20 1.98
C SER A 198 -1.49 6.21 2.83
N LEU A 199 -1.92 6.63 4.02
CA LEU A 199 -2.71 5.77 4.87
C LEU A 199 -4.04 5.44 4.18
N TRP A 200 -4.63 6.43 3.52
CA TRP A 200 -5.90 6.22 2.82
C TRP A 200 -5.75 5.19 1.70
N ALA A 201 -4.69 5.31 0.91
CA ALA A 201 -4.47 4.34 -0.16
C ALA A 201 -4.24 2.93 0.41
N LYS A 202 -3.51 2.82 1.51
CA LYS A 202 -3.32 1.51 2.13
C LYS A 202 -4.66 0.93 2.58
N ARG A 203 -5.48 1.77 3.17
CA ARG A 203 -6.81 1.33 3.60
C ARG A 203 -7.65 0.88 2.42
N LEU A 204 -7.57 1.60 1.30
CA LEU A 204 -8.28 1.17 0.10
C LEU A 204 -7.73 -0.14 -0.46
N ALA A 205 -6.41 -0.24 -0.53
CA ALA A 205 -5.75 -1.40 -1.15
C ALA A 205 -6.03 -2.68 -0.37
N PHE A 206 -5.94 -2.62 0.95
CA PHE A 206 -6.05 -3.81 1.78
C PHE A 206 -7.45 -4.13 2.27
N GLY A 207 -8.38 -3.21 2.04
CA GLY A 207 -9.79 -3.40 2.36
C GLY A 207 -10.50 -4.29 1.35
N ARG A 208 -11.83 -4.21 1.34
CA ARG A 208 -12.61 -5.06 0.44
C ARG A 208 -12.24 -4.80 -1.01
N LYS A 209 -12.44 -5.81 -1.85
CA LYS A 209 -12.28 -5.65 -3.30
C LYS A 209 -13.07 -4.46 -3.81
N ARG A 210 -12.43 -3.64 -4.62
CA ARG A 210 -13.03 -2.39 -5.09
C ARG A 210 -12.55 -2.14 -6.51
N SER A 211 -13.36 -1.45 -7.31
CA SER A 211 -12.93 -1.02 -8.65
C SER A 211 -12.27 0.36 -8.59
N PHE A 212 -11.12 0.51 -9.24
CA PHE A 212 -10.48 1.83 -9.37
C PHE A 212 -10.31 2.14 -10.83
N PHE A 213 -10.28 3.43 -11.18
CA PHE A 213 -10.15 3.86 -12.58
C PHE A 213 -9.09 4.90 -12.74
N ARG A 214 -8.26 4.74 -13.77
CA ARG A 214 -7.24 5.74 -14.03
C ARG A 214 -7.48 6.33 -15.41
N VAL A 215 -7.70 7.63 -15.45
CA VAL A 215 -7.84 8.35 -16.70
C VAL A 215 -6.58 9.20 -16.83
N SER A 216 -5.87 9.06 -17.95
CA SER A 216 -4.63 9.79 -18.11
C SER A 216 -4.49 10.37 -19.52
N GLY A 217 -3.62 11.34 -19.67
CA GLY A 217 -3.38 11.90 -20.99
C GLY A 217 -2.51 13.13 -20.84
N HIS A 218 -2.73 14.11 -21.70
CA HIS A 218 -1.96 15.33 -21.63
C HIS A 218 -2.84 16.55 -21.63
N VAL A 219 -2.33 17.64 -21.06
CA VAL A 219 -3.09 18.86 -20.97
C VAL A 219 -3.05 19.54 -22.33
N SER A 220 -4.23 19.80 -22.90
CA SER A 220 -4.32 20.30 -24.26
C SER A 220 -4.73 21.77 -24.30
N LYS A 221 -5.19 22.29 -23.17
CA LYS A 221 -5.76 23.63 -23.12
C LYS A 221 -4.84 24.70 -23.71
N HIS A 222 -3.53 24.44 -23.70
CA HIS A 222 -2.55 25.45 -24.09
C HIS A 222 -1.92 25.21 -25.46
N MET B 4 7.18 -12.59 25.84
CA MET B 4 7.48 -12.50 24.41
C MET B 4 8.96 -12.23 24.15
N LEU B 5 9.56 -13.01 23.28
CA LEU B 5 10.98 -12.85 22.97
C LEU B 5 11.15 -12.20 21.61
N ILE B 6 11.98 -11.16 21.56
CA ILE B 6 12.36 -10.58 20.29
C ILE B 6 13.87 -10.66 20.10
N LEU B 7 14.31 -10.50 18.86
CA LEU B 7 15.73 -10.56 18.53
C LEU B 7 16.30 -9.15 18.33
N LYS B 8 17.36 -8.83 19.08
CA LYS B 8 18.10 -7.58 18.86
C LYS B 8 19.52 -7.99 18.47
N GLY B 9 19.84 -7.86 17.18
CA GLY B 9 21.07 -8.40 16.66
C GLY B 9 21.04 -9.92 16.76
N THR B 10 21.98 -10.50 17.51
CA THR B 10 21.99 -11.94 17.71
C THR B 10 21.48 -12.30 19.10
N LYS B 11 21.02 -11.28 19.83
CA LYS B 11 20.61 -11.45 21.21
C LYS B 11 19.09 -11.51 21.35
N THR B 12 18.62 -12.48 22.13
CA THR B 12 17.20 -12.57 22.46
C THR B 12 16.91 -11.68 23.67
N VAL B 13 15.86 -10.89 23.59
CA VAL B 13 15.49 -9.93 24.62
C VAL B 13 13.97 -10.02 24.90
N ASP B 14 13.55 -9.77 26.14
CA ASP B 14 12.13 -9.77 26.45
C ASP B 14 11.49 -8.46 26.02
N LEU B 15 10.27 -8.51 25.51
CA LEU B 15 9.51 -7.31 25.18
C LEU B 15 8.11 -7.40 25.78
N SER B 16 7.75 -6.43 26.60
CA SER B 16 6.44 -6.41 27.23
C SER B 16 5.39 -5.85 26.29
N LYS B 17 4.12 -6.05 26.63
CA LYS B 17 3.02 -5.50 25.85
C LYS B 17 3.09 -3.98 25.79
N ASP B 18 3.30 -3.34 26.93
CA ASP B 18 3.36 -1.88 26.96
C ASP B 18 4.53 -1.36 26.11
N GLU B 19 5.66 -2.04 26.15
CA GLU B 19 6.78 -1.69 25.29
C GLU B 19 6.39 -1.79 23.81
N LEU B 20 5.69 -2.87 23.47
CA LEU B 20 5.18 -3.05 22.12
C LEU B 20 4.19 -1.96 21.76
N THR B 21 3.25 -1.70 22.66
CA THR B 21 2.18 -0.73 22.42
C THR B 21 2.75 0.66 22.10
N GLU B 22 3.83 1.04 22.79
CA GLU B 22 4.42 2.35 22.58
C GLU B 22 5.15 2.43 21.24
N ILE B 23 5.67 1.30 20.79
CA ILE B 23 6.33 1.23 19.49
C ILE B 23 5.29 1.30 18.37
N ILE B 24 4.26 0.46 18.47
CA ILE B 24 3.15 0.46 17.52
C ILE B 24 2.49 1.84 17.42
N GLY B 25 2.46 2.56 18.53
CA GLY B 25 1.85 3.87 18.57
C GLY B 25 2.46 4.90 17.64
N GLN B 26 3.65 4.60 17.12
CA GLN B 26 4.34 5.53 16.22
C GLN B 26 4.07 5.26 14.74
N PHE B 27 3.25 4.24 14.48
CA PHE B 27 2.90 3.80 13.13
C PHE B 27 1.39 3.65 13.04
N ASP B 28 0.85 3.73 11.83
CA ASP B 28 -0.59 3.67 11.63
C ASP B 28 -1.12 2.29 11.28
N ARG B 29 -0.21 1.41 10.84
CA ARG B 29 -0.62 0.06 10.43
C ARG B 29 0.43 -0.94 10.83
N VAL B 30 0.01 -2.15 11.12
CA VAL B 30 0.91 -3.22 11.52
C VAL B 30 0.71 -4.43 10.62
N HIS B 31 1.80 -4.97 10.09
CA HIS B 31 1.73 -6.23 9.33
C HIS B 31 2.49 -7.34 10.05
N ILE B 32 1.90 -8.54 10.13
CA ILE B 32 2.61 -9.68 10.72
C ILE B 32 2.87 -10.70 9.63
N ASP B 33 4.12 -11.15 9.55
CA ASP B 33 4.49 -12.22 8.63
C ASP B 33 4.91 -13.43 9.48
N LEU B 34 4.13 -14.50 9.41
CA LEU B 34 4.35 -15.69 10.25
C LEU B 34 5.17 -16.74 9.49
N GLY B 35 6.19 -17.29 10.14
CA GLY B 35 7.14 -18.16 9.46
C GLY B 35 8.01 -17.36 8.53
N THR B 36 8.56 -16.27 9.06
CA THR B 36 9.19 -15.27 8.20
C THR B 36 10.54 -15.71 7.62
N GLY B 37 11.16 -16.71 8.24
CA GLY B 37 12.38 -17.28 7.71
C GLY B 37 13.61 -16.41 7.93
N ASP B 38 14.32 -16.08 6.86
CA ASP B 38 15.62 -15.41 6.98
C ASP B 38 15.51 -13.89 7.15
N GLY B 39 14.30 -13.36 7.02
CA GLY B 39 14.07 -11.95 7.26
C GLY B 39 14.24 -11.05 6.05
N ARG B 40 14.77 -11.60 4.97
CA ARG B 40 15.02 -10.82 3.77
CA ARG B 40 15.03 -10.84 3.75
C ARG B 40 13.71 -10.31 3.15
N ASN B 41 12.67 -11.14 3.17
CA ASN B 41 11.38 -10.70 2.63
C ASN B 41 10.87 -9.47 3.37
N ILE B 42 10.89 -9.55 4.69
CA ILE B 42 10.39 -8.46 5.53
C ILE B 42 11.25 -7.21 5.40
N TYR B 43 12.55 -7.40 5.24
CA TYR B 43 13.45 -6.25 5.06
C TYR B 43 13.03 -5.46 3.82
N LYS B 44 12.91 -6.17 2.70
CA LYS B 44 12.52 -5.57 1.43
C LYS B 44 11.14 -4.92 1.52
N LEU B 45 10.19 -5.64 2.10
CA LEU B 45 8.84 -5.10 2.28
C LEU B 45 8.82 -3.85 3.16
N ALA B 46 9.63 -3.86 4.21
CA ALA B 46 9.67 -2.75 5.15
C ALA B 46 10.39 -1.51 4.61
N ILE B 47 11.47 -1.70 3.85
CA ILE B 47 12.21 -0.57 3.28
C ILE B 47 11.43 0.09 2.14
N ASN B 48 10.48 -0.66 1.58
CA ASN B 48 9.65 -0.17 0.47
C ASN B 48 8.26 0.25 0.96
N ASP B 49 8.05 0.17 2.27
CA ASP B 49 6.77 0.48 2.89
C ASP B 49 7.06 1.02 4.28
N GLN B 50 7.64 2.21 4.33
CA GLN B 50 8.24 2.68 5.58
C GLN B 50 7.25 3.25 6.61
N ASN B 51 5.98 3.33 6.24
CA ASN B 51 4.94 3.81 7.16
C ASN B 51 4.17 2.65 7.85
N THR B 52 4.55 1.42 7.54
CA THR B 52 3.93 0.26 8.16
C THR B 52 4.92 -0.39 9.12
N PHE B 53 4.44 -0.83 10.28
CA PHE B 53 5.31 -1.56 11.21
C PHE B 53 5.23 -3.04 10.92
N TYR B 54 6.39 -3.64 10.67
CA TYR B 54 6.45 -5.06 10.29
C TYR B 54 6.95 -5.93 11.43
N ILE B 55 6.18 -6.99 11.72
CA ILE B 55 6.58 -7.96 12.72
C ILE B 55 6.80 -9.30 12.04
N GLY B 56 8.02 -9.81 12.05
CA GLY B 56 8.26 -11.14 11.51
C GLY B 56 8.41 -12.17 12.63
N ILE B 57 7.68 -13.26 12.51
CA ILE B 57 7.70 -14.30 13.54
C ILE B 57 8.36 -15.56 13.01
N ASP B 58 9.31 -16.08 13.75
CA ASP B 58 9.90 -17.37 13.39
C ASP B 58 10.49 -18.02 14.63
N PRO B 59 10.33 -19.35 14.75
CA PRO B 59 10.88 -20.09 15.90
C PRO B 59 12.40 -20.29 15.84
N VAL B 60 13.00 -20.18 14.67
CA VAL B 60 14.45 -20.41 14.54
C VAL B 60 15.21 -19.09 14.48
N LYS B 61 15.81 -18.69 15.60
CA LYS B 61 16.46 -17.39 15.67
C LYS B 61 17.68 -17.29 14.75
N GLU B 62 18.42 -18.38 14.59
CA GLU B 62 19.68 -18.36 13.84
C GLU B 62 19.51 -17.94 12.39
N ASN B 63 18.38 -18.30 11.79
CA ASN B 63 18.12 -17.96 10.39
C ASN B 63 17.95 -16.46 10.18
N LEU B 64 17.65 -15.75 11.26
CA LEU B 64 17.38 -14.31 11.20
C LEU B 64 18.58 -13.42 11.58
N PHE B 65 19.65 -14.03 12.08
CA PHE B 65 20.78 -13.25 12.61
C PHE B 65 21.30 -12.19 11.64
N ASP B 66 21.57 -12.60 10.41
CA ASP B 66 22.17 -11.68 9.45
C ASP B 66 21.33 -10.44 9.23
N ILE B 67 20.03 -10.63 9.00
CA ILE B 67 19.15 -9.50 8.77
C ILE B 67 18.86 -8.76 10.07
N SER B 68 18.81 -9.48 11.18
CA SER B 68 18.56 -8.83 12.47
C SER B 68 19.73 -7.90 12.83
N LYS B 69 20.94 -8.34 12.52
CA LYS B 69 22.11 -7.49 12.76
C LYS B 69 22.03 -6.22 11.92
N LYS B 70 21.47 -6.34 10.73
CA LYS B 70 21.37 -5.21 9.82
C LYS B 70 20.33 -4.17 10.26
N ILE B 71 19.14 -4.62 10.65
CA ILE B 71 18.06 -3.68 10.96
C ILE B 71 18.36 -2.82 12.19
N ILE B 72 19.17 -3.35 13.10
CA ILE B 72 19.45 -2.64 14.34
C ILE B 72 20.55 -1.57 14.17
N LYS B 73 21.14 -1.50 12.98
CA LYS B 73 22.16 -0.48 12.71
C LYS B 73 21.51 0.88 12.53
N LYS B 74 22.34 1.92 12.38
CA LYS B 74 21.81 3.23 12.03
C LYS B 74 21.20 3.13 10.65
N PRO B 75 20.17 3.93 10.38
CA PRO B 75 19.58 3.96 9.04
C PRO B 75 20.64 4.18 7.96
N SER B 76 21.61 5.06 8.23
CA SER B 76 22.70 5.33 7.28
C SER B 76 23.55 4.09 7.02
N LYS B 77 23.42 3.09 7.87
CA LYS B 77 24.23 1.88 7.71
C LYS B 77 23.36 0.65 7.41
N GLY B 78 22.17 0.90 6.89
CA GLY B 78 21.27 -0.17 6.47
C GLY B 78 20.21 -0.56 7.46
N GLY B 79 20.13 0.17 8.58
CA GLY B 79 19.15 -0.15 9.62
C GLY B 79 17.73 0.29 9.28
N LEU B 80 16.74 -0.41 9.83
CA LEU B 80 15.33 -0.02 9.68
C LEU B 80 14.74 0.29 11.05
N SER B 81 13.72 1.14 11.09
N SER B 81 13.71 1.13 11.05
CA SER B 81 13.07 1.48 12.35
CA SER B 81 13.05 1.56 12.27
C SER B 81 11.70 0.78 12.47
C SER B 81 11.63 0.99 12.35
N ASN B 82 11.27 0.15 11.38
CA ASN B 82 9.90 -0.39 11.33
C ASN B 82 9.84 -1.90 11.25
N VAL B 83 10.80 -2.56 11.88
CA VAL B 83 10.82 -4.03 11.90
C VAL B 83 11.13 -4.56 13.30
N VAL B 84 10.41 -5.61 13.69
CA VAL B 84 10.75 -6.38 14.87
C VAL B 84 10.66 -7.85 14.53
N PHE B 85 11.60 -8.64 15.01
CA PHE B 85 11.54 -10.09 14.87
C PHE B 85 11.18 -10.76 16.20
N VAL B 86 10.08 -11.50 16.19
CA VAL B 86 9.60 -12.24 17.34
C VAL B 86 9.95 -13.71 17.20
N ILE B 87 10.56 -14.26 18.23
CA ILE B 87 10.92 -15.67 18.23
C ILE B 87 9.79 -16.50 18.87
N ALA B 88 8.98 -17.11 18.02
CA ALA B 88 7.82 -17.87 18.48
C ALA B 88 7.39 -18.82 17.38
N ALA B 89 6.56 -19.80 17.71
CA ALA B 89 6.02 -20.72 16.72
C ALA B 89 4.50 -20.59 16.64
N ALA B 90 3.90 -21.07 15.54
CA ALA B 90 2.47 -20.98 15.35
C ALA B 90 1.70 -21.67 16.48
N GLU B 91 2.33 -22.69 17.05
CA GLU B 91 1.71 -23.48 18.12
C GLU B 91 1.67 -22.73 19.45
N SER B 92 2.45 -21.68 19.59
CA SER B 92 2.53 -20.95 20.85
C SER B 92 2.83 -19.48 20.60
N LEU B 93 1.85 -18.78 20.07
CA LEU B 93 2.01 -17.36 19.78
C LEU B 93 1.84 -16.53 21.03
N PRO B 94 2.64 -15.47 21.16
CA PRO B 94 2.60 -14.59 22.33
C PRO B 94 1.27 -13.85 22.42
N PHE B 95 0.68 -13.84 23.61
CA PHE B 95 -0.58 -13.13 23.81
CA PHE B 95 -0.57 -13.13 23.86
C PHE B 95 -0.43 -11.64 23.51
N GLU B 96 0.79 -11.12 23.60
CA GLU B 96 1.05 -9.71 23.31
C GLU B 96 0.68 -9.28 21.89
N LEU B 97 0.67 -10.24 20.97
CA LEU B 97 0.38 -9.96 19.56
C LEU B 97 -1.11 -10.05 19.21
N LYS B 98 -1.95 -10.38 20.18
CA LYS B 98 -3.37 -10.51 19.89
C LYS B 98 -3.96 -9.19 19.41
N ASN B 99 -4.71 -9.27 18.31
CA ASN B 99 -5.52 -8.14 17.87
C ASN B 99 -4.68 -6.91 17.51
N ILE B 100 -3.50 -7.13 16.95
CA ILE B 100 -2.66 -5.99 16.58
C ILE B 100 -2.49 -5.76 15.08
N ALA B 101 -2.73 -6.78 14.27
CA ALA B 101 -2.36 -6.71 12.86
C ALA B 101 -3.46 -6.18 11.93
N ASP B 102 -3.08 -5.24 11.06
CA ASP B 102 -3.93 -4.83 9.96
C ASP B 102 -3.88 -5.81 8.78
N SER B 103 -2.78 -6.56 8.68
CA SER B 103 -2.62 -7.57 7.63
C SER B 103 -1.66 -8.65 8.11
N ILE B 104 -1.85 -9.86 7.60
CA ILE B 104 -1.03 -10.99 8.02
C ILE B 104 -0.69 -11.78 6.78
N SER B 105 0.52 -12.35 6.74
CA SER B 105 0.92 -13.18 5.61
C SER B 105 1.54 -14.46 6.10
N ILE B 106 1.38 -15.54 5.32
CA ILE B 106 2.18 -16.74 5.49
C ILE B 106 2.70 -17.08 4.11
N LEU B 107 4.01 -16.98 3.93
CA LEU B 107 4.61 -17.08 2.60
C LEU B 107 5.52 -18.29 2.48
N PHE B 108 5.22 -19.12 1.49
CA PHE B 108 6.03 -20.31 1.18
C PHE B 108 6.41 -21.12 2.42
N PRO B 109 5.42 -21.49 3.23
CA PRO B 109 5.72 -22.28 4.43
C PRO B 109 6.19 -23.69 4.09
N TRP B 110 6.89 -24.32 5.03
N TRP B 110 6.81 -24.35 5.05
CA TRP B 110 7.19 -25.75 4.93
CA TRP B 110 7.21 -25.75 4.89
C TRP B 110 6.84 -26.46 6.22
C TRP B 110 6.97 -26.44 6.24
N GLY B 111 7.12 -27.76 6.28
CA GLY B 111 6.93 -28.52 7.50
C GLY B 111 5.55 -28.36 8.12
N THR B 112 5.51 -28.16 9.43
CA THR B 112 4.23 -28.13 10.13
C THR B 112 3.36 -26.94 9.75
N LEU B 113 3.99 -25.77 9.54
CA LEU B 113 3.23 -24.58 9.17
C LEU B 113 2.52 -24.76 7.83
N LEU B 114 3.18 -25.42 6.89
CA LEU B 114 2.56 -25.73 5.61
C LEU B 114 1.30 -26.57 5.81
N GLU B 115 1.43 -27.62 6.61
N GLU B 115 1.42 -27.60 6.64
CA GLU B 115 0.32 -28.49 6.94
CA GLU B 115 0.30 -28.49 6.91
C GLU B 115 -0.82 -27.69 7.56
C GLU B 115 -0.83 -27.74 7.61
N TYR B 116 -0.49 -26.85 8.53
CA TYR B 116 -1.51 -26.07 9.23
C TYR B 116 -2.31 -25.22 8.26
N VAL B 117 -1.64 -24.73 7.23
CA VAL B 117 -2.31 -23.91 6.23
C VAL B 117 -3.18 -24.73 5.26
N ILE B 118 -2.64 -25.83 4.75
CA ILE B 118 -3.32 -26.52 3.63
C ILE B 118 -4.36 -27.54 4.11
N LYS B 119 -4.18 -28.07 5.32
CA LYS B 119 -5.11 -29.12 5.79
C LYS B 119 -6.58 -28.65 5.80
N PRO B 120 -6.88 -27.53 6.49
CA PRO B 120 -6.02 -26.76 7.41
C PRO B 120 -6.15 -27.31 8.83
N ASN B 121 -5.30 -26.82 9.72
CA ASN B 121 -5.47 -27.09 11.13
C ASN B 121 -6.26 -25.92 11.71
N ARG B 122 -7.54 -26.15 12.01
CA ARG B 122 -8.38 -25.03 12.43
C ARG B 122 -8.00 -24.44 13.80
N ASP B 123 -7.45 -25.26 14.70
CA ASP B 123 -7.04 -24.77 16.00
C ASP B 123 -5.87 -23.79 15.86
N ILE B 124 -4.88 -24.16 15.07
CA ILE B 124 -3.76 -23.27 14.81
C ILE B 124 -4.19 -22.00 14.08
N LEU B 125 -4.97 -22.16 13.03
CA LEU B 125 -5.37 -21.01 12.21
C LEU B 125 -6.23 -20.03 13.03
N SER B 126 -7.03 -20.57 13.94
N SER B 126 -7.03 -20.57 13.94
CA SER B 126 -7.83 -19.70 14.80
CA SER B 126 -7.83 -19.73 14.82
C SER B 126 -6.92 -18.81 15.65
C SER B 126 -6.92 -18.83 15.65
N ASN B 127 -5.80 -19.38 16.12
CA ASN B 127 -4.86 -18.60 16.91
C ASN B 127 -4.17 -17.53 16.07
N VAL B 128 -3.91 -17.87 14.80
CA VAL B 128 -3.35 -16.91 13.86
C VAL B 128 -4.34 -15.78 13.61
N ALA B 129 -5.62 -16.12 13.41
CA ALA B 129 -6.64 -15.09 13.21
C ALA B 129 -6.74 -14.15 14.42
N ASP B 130 -6.46 -14.67 15.61
CA ASP B 130 -6.50 -13.84 16.82
C ASP B 130 -5.41 -12.75 16.85
N LEU B 131 -4.39 -12.89 16.01
CA LEU B 131 -3.36 -11.85 15.88
C LEU B 131 -3.86 -10.61 15.16
N ALA B 132 -4.98 -10.76 14.46
CA ALA B 132 -5.45 -9.72 13.54
C ALA B 132 -6.57 -8.89 14.14
N LYS B 133 -6.61 -7.63 13.70
CA LYS B 133 -7.74 -6.75 13.96
C LYS B 133 -8.93 -7.21 13.12
N LYS B 134 -10.10 -6.71 13.47
CA LYS B 134 -11.31 -7.03 12.72
C LYS B 134 -11.11 -6.67 11.25
N GLU B 135 -11.46 -7.61 10.37
CA GLU B 135 -11.37 -7.44 8.91
C GLU B 135 -9.97 -7.16 8.36
N ALA B 136 -8.95 -7.54 9.11
CA ALA B 136 -7.57 -7.50 8.59
C ALA B 136 -7.44 -8.28 7.29
N HIS B 137 -6.54 -7.84 6.41
CA HIS B 137 -6.24 -8.57 5.18
C HIS B 137 -5.35 -9.78 5.50
N PHE B 138 -5.55 -10.90 4.82
CA PHE B 138 -4.59 -12.01 4.90
C PHE B 138 -4.19 -12.54 3.54
N GLU B 139 -3.00 -13.10 3.44
CA GLU B 139 -2.64 -13.86 2.24
C GLU B 139 -1.76 -15.01 2.64
N PHE B 140 -2.08 -16.19 2.11
CA PHE B 140 -1.24 -17.37 2.30
C PHE B 140 -0.76 -17.72 0.90
N VAL B 141 0.55 -17.93 0.73
CA VAL B 141 1.07 -18.31 -0.56
C VAL B 141 1.86 -19.60 -0.39
N THR B 142 1.51 -20.65 -1.11
CA THR B 142 2.21 -21.90 -0.90
C THR B 142 2.32 -22.76 -2.16
N THR B 143 3.35 -23.60 -2.24
CA THR B 143 3.34 -24.65 -3.24
C THR B 143 3.15 -25.96 -2.46
N TYR B 144 3.22 -27.09 -3.14
CA TYR B 144 2.95 -28.36 -2.48
C TYR B 144 4.21 -29.06 -2.00
N SER B 145 4.05 -29.94 -1.03
CA SER B 145 5.14 -30.81 -0.61
C SER B 145 5.29 -31.94 -1.62
N ASP B 146 6.54 -32.23 -2.00
CA ASP B 146 6.81 -33.26 -2.99
C ASP B 146 7.43 -34.49 -2.36
N SER B 147 7.13 -34.71 -1.07
CA SER B 147 7.63 -35.86 -0.35
C SER B 147 7.04 -37.16 -0.90
N TYR B 148 5.78 -37.10 -1.32
CA TYR B 148 5.13 -38.21 -1.98
C TYR B 148 4.73 -37.80 -3.39
N GLU B 149 4.63 -38.77 -4.29
CA GLU B 149 4.06 -38.49 -5.61
C GLU B 149 2.54 -38.62 -5.54
N GLU B 150 1.86 -38.17 -6.59
CA GLU B 150 0.39 -38.09 -6.57
C GLU B 150 -0.31 -39.36 -6.13
N ALA B 151 0.09 -40.50 -6.71
CA ALA B 151 -0.55 -41.77 -6.40
C ALA B 151 -0.51 -42.08 -4.91
N GLU B 152 0.63 -41.81 -4.27
CA GLU B 152 0.78 -42.09 -2.85
C GLU B 152 0.08 -41.03 -2.00
N ILE B 153 0.09 -39.79 -2.48
CA ILE B 153 -0.65 -38.71 -1.81
C ILE B 153 -2.09 -39.11 -1.57
N LYS B 154 -2.75 -39.63 -2.60
CA LYS B 154 -4.14 -40.05 -2.50
C LYS B 154 -4.28 -41.24 -1.54
N LYS B 155 -3.40 -42.22 -1.69
CA LYS B 155 -3.44 -43.43 -0.86
C LYS B 155 -3.43 -43.09 0.63
N ARG B 156 -2.59 -42.14 1.02
CA ARG B 156 -2.48 -41.71 2.41
C ARG B 156 -3.51 -40.64 2.79
N GLY B 157 -4.46 -40.38 1.90
CA GLY B 157 -5.51 -39.40 2.14
C GLY B 157 -5.05 -37.97 2.44
N LEU B 158 -3.95 -37.56 1.82
CA LEU B 158 -3.36 -36.24 2.07
C LEU B 158 -3.83 -35.21 1.05
N PRO B 159 -3.71 -33.91 1.38
CA PRO B 159 -4.13 -32.83 0.48
C PRO B 159 -3.37 -32.88 -0.84
N LEU B 160 -4.10 -32.77 -1.94
CA LEU B 160 -3.51 -32.68 -3.27
C LEU B 160 -3.77 -31.27 -3.75
N LEU B 161 -2.75 -30.41 -3.68
CA LEU B 161 -2.94 -28.99 -3.95
C LEU B 161 -3.28 -28.68 -5.40
N SER B 162 -4.20 -27.75 -5.58
CA SER B 162 -4.60 -27.27 -6.89
C SER B 162 -5.45 -26.03 -6.62
N LYS B 163 -5.70 -25.22 -7.65
CA LYS B 163 -6.60 -24.10 -7.47
C LYS B 163 -7.95 -24.61 -6.97
N ALA B 164 -8.39 -25.73 -7.54
CA ALA B 164 -9.68 -26.31 -7.17
C ALA B 164 -9.75 -26.72 -5.70
N TYR B 165 -8.64 -27.26 -5.19
CA TYR B 165 -8.55 -27.62 -3.78
C TYR B 165 -8.85 -26.43 -2.89
N PHE B 166 -8.24 -25.27 -3.17
CA PHE B 166 -8.40 -24.11 -2.30
C PHE B 166 -9.75 -23.39 -2.48
N LEU B 167 -10.42 -23.64 -3.60
CA LEU B 167 -11.74 -23.07 -3.84
C LEU B 167 -12.88 -23.98 -3.40
N SER B 168 -12.56 -25.17 -2.92
CA SER B 168 -13.61 -26.15 -2.58
C SER B 168 -14.46 -25.61 -1.45
N GLU B 169 -15.72 -26.03 -1.41
CA GLU B 169 -16.62 -25.63 -0.34
C GLU B 169 -16.04 -26.04 1.01
N GLN B 170 -15.41 -27.22 1.07
CA GLN B 170 -14.88 -27.71 2.34
C GLN B 170 -13.72 -26.86 2.85
N TYR B 171 -12.78 -26.53 1.97
CA TYR B 171 -11.64 -25.72 2.40
C TYR B 171 -12.15 -24.35 2.83
N LYS B 172 -13.10 -23.80 2.08
CA LYS B 172 -13.63 -22.48 2.41
C LYS B 172 -14.30 -22.49 3.77
N ALA B 173 -15.05 -23.56 4.03
CA ALA B 173 -15.76 -23.70 5.30
C ALA B 173 -14.79 -23.85 6.45
N GLU B 174 -13.75 -24.65 6.26
CA GLU B 174 -12.74 -24.83 7.31
C GLU B 174 -12.03 -23.51 7.65
N LEU B 175 -11.58 -22.79 6.63
CA LEU B 175 -10.96 -21.49 6.90
C LEU B 175 -11.96 -20.55 7.56
N SER B 176 -13.21 -20.57 7.10
CA SER B 176 -14.21 -19.68 7.69
C SER B 176 -14.38 -19.99 9.18
N ASN B 177 -14.47 -21.27 9.51
N ASN B 177 -14.45 -21.27 9.52
CA ASN B 177 -14.59 -21.67 10.91
CA ASN B 177 -14.61 -21.66 10.92
C ASN B 177 -13.40 -21.13 11.70
C ASN B 177 -13.32 -21.46 11.73
N SER B 178 -12.25 -21.06 11.04
CA SER B 178 -11.00 -20.67 11.69
C SER B 178 -10.86 -19.16 11.81
N GLY B 179 -11.76 -18.42 11.18
CA GLY B 179 -11.75 -16.97 11.25
C GLY B 179 -11.27 -16.26 9.98
N PHE B 180 -11.18 -17.01 8.87
CA PHE B 180 -10.70 -16.44 7.60
C PHE B 180 -11.74 -16.51 6.49
N ARG B 181 -12.06 -15.37 5.89
CA ARG B 181 -12.97 -15.33 4.75
C ARG B 181 -12.18 -15.23 3.43
N ILE B 182 -12.21 -16.28 2.63
CA ILE B 182 -11.48 -16.29 1.37
C ILE B 182 -12.19 -15.40 0.35
N ASP B 183 -11.44 -14.47 -0.24
CA ASP B 183 -11.93 -13.60 -1.30
C ASP B 183 -11.45 -14.05 -2.67
N ASP B 184 -10.24 -14.60 -2.72
CA ASP B 184 -9.68 -14.95 -4.01
C ASP B 184 -8.65 -16.07 -3.88
N VAL B 185 -8.55 -16.90 -4.92
CA VAL B 185 -7.50 -17.92 -5.02
C VAL B 185 -6.87 -17.76 -6.40
N LYS B 186 -5.55 -17.68 -6.44
CA LYS B 186 -4.82 -17.52 -7.69
C LYS B 186 -3.79 -18.62 -7.81
N GLU B 187 -3.66 -19.17 -9.02
CA GLU B 187 -2.58 -20.10 -9.32
C GLU B 187 -1.52 -19.32 -10.08
N LEU B 188 -0.31 -19.34 -9.53
CA LEU B 188 0.79 -18.53 -10.02
C LEU B 188 1.93 -19.51 -10.29
N ASP B 189 2.98 -19.06 -10.97
CA ASP B 189 4.09 -19.96 -11.29
C ASP B 189 5.41 -19.41 -10.75
N ASN B 190 6.51 -20.05 -11.11
CA ASN B 190 7.82 -19.61 -10.59
C ASN B 190 8.11 -18.12 -10.78
N GLU B 191 7.66 -17.54 -11.89
CA GLU B 191 8.05 -16.16 -12.19
C GLU B 191 7.51 -15.20 -11.15
N TYR B 192 6.32 -15.51 -10.64
CA TYR B 192 5.72 -14.70 -9.57
C TYR B 192 6.61 -14.65 -8.34
N VAL B 193 7.31 -15.75 -8.06
CA VAL B 193 8.12 -15.84 -6.85
C VAL B 193 9.40 -15.01 -6.93
N LYS B 194 9.76 -14.63 -8.15
CA LYS B 194 10.99 -13.87 -8.37
C LYS B 194 10.98 -12.50 -7.66
N GLN B 195 9.79 -12.02 -7.28
CA GLN B 195 9.68 -10.73 -6.59
C GLN B 195 10.14 -10.76 -5.12
N PHE B 196 10.27 -11.95 -4.55
CA PHE B 196 10.62 -12.07 -3.14
C PHE B 196 12.13 -12.18 -2.93
N ASN B 197 12.59 -11.86 -1.71
CA ASN B 197 14.04 -11.67 -1.51
C ASN B 197 14.77 -12.73 -0.69
N SER B 198 14.04 -13.63 -0.05
CA SER B 198 14.66 -14.63 0.80
C SER B 198 15.38 -15.65 -0.06
N LEU B 199 16.40 -16.29 0.51
CA LEU B 199 17.11 -17.33 -0.23
C LEU B 199 16.13 -18.45 -0.56
N TRP B 200 15.24 -18.76 0.37
CA TRP B 200 14.25 -19.79 0.13
C TRP B 200 13.41 -19.47 -1.11
N ALA B 201 12.95 -18.23 -1.20
CA ALA B 201 12.09 -17.84 -2.33
C ALA B 201 12.91 -17.82 -3.63
N LYS B 202 14.15 -17.39 -3.52
CA LYS B 202 15.03 -17.30 -4.70
C LYS B 202 15.21 -18.70 -5.25
N ARG B 203 15.40 -19.66 -4.35
CA ARG B 203 15.55 -21.06 -4.74
C ARG B 203 14.27 -21.66 -5.29
N LEU B 204 13.12 -21.21 -4.79
CA LEU B 204 11.85 -21.65 -5.36
C LEU B 204 11.67 -21.05 -6.76
N ALA B 205 11.93 -19.76 -6.88
CA ALA B 205 11.67 -19.02 -8.11
C ALA B 205 12.55 -19.55 -9.26
N PHE B 206 13.80 -19.82 -8.94
CA PHE B 206 14.76 -20.35 -9.91
C PHE B 206 14.93 -21.86 -9.79
N GLY B 207 13.96 -22.50 -9.14
CA GLY B 207 13.99 -23.94 -8.96
C GLY B 207 13.15 -24.64 -10.03
N ARG B 208 12.89 -25.92 -9.82
CA ARG B 208 12.12 -26.67 -10.82
C ARG B 208 10.71 -26.12 -10.96
N LYS B 209 10.04 -26.45 -12.05
CA LYS B 209 8.72 -25.84 -12.31
C LYS B 209 7.73 -26.29 -11.25
N ARG B 210 7.02 -25.32 -10.69
CA ARG B 210 6.05 -25.59 -9.63
C ARG B 210 4.94 -24.57 -9.73
N SER B 211 3.75 -24.96 -9.28
N SER B 211 3.75 -24.96 -9.26
CA SER B 211 2.63 -24.03 -9.15
CA SER B 211 2.62 -24.03 -9.17
C SER B 211 2.60 -23.49 -7.74
C SER B 211 2.50 -23.53 -7.74
N PHE B 212 2.17 -22.24 -7.60
CA PHE B 212 2.09 -21.59 -6.31
C PHE B 212 0.69 -21.05 -6.17
N PHE B 213 0.09 -21.23 -5.00
CA PHE B 213 -1.30 -20.84 -4.82
C PHE B 213 -1.40 -19.74 -3.78
N ARG B 214 -2.08 -18.65 -4.14
CA ARG B 214 -2.24 -17.53 -3.23
C ARG B 214 -3.71 -17.44 -2.85
N VAL B 215 -3.96 -17.65 -1.56
CA VAL B 215 -5.31 -17.59 -1.01
C VAL B 215 -5.34 -16.31 -0.20
N SER B 216 -6.28 -15.44 -0.49
CA SER B 216 -6.32 -14.15 0.21
C SER B 216 -7.75 -13.78 0.53
N GLY B 217 -7.90 -12.82 1.42
CA GLY B 217 -9.22 -12.44 1.89
C GLY B 217 -9.07 -11.62 3.15
N HIS B 218 -10.03 -11.74 4.05
CA HIS B 218 -10.02 -10.95 5.27
C HIS B 218 -10.40 -11.81 6.44
N VAL B 219 -9.95 -11.39 7.61
CA VAL B 219 -10.23 -12.11 8.83
C VAL B 219 -11.63 -11.75 9.28
N SER B 220 -12.47 -12.77 9.41
CA SER B 220 -13.89 -12.57 9.69
C SER B 220 -14.22 -13.01 11.11
N LYS B 221 -13.21 -13.40 11.87
CA LYS B 221 -13.42 -13.93 13.20
C LYS B 221 -14.03 -12.90 14.15
N HIS B 222 -13.64 -11.64 13.94
CA HIS B 222 -13.98 -10.59 14.88
C HIS B 222 -15.14 -9.74 14.37
N SAM C . -4.42 12.05 -2.80
CA SAM C . -4.72 11.52 -1.47
C SAM C . -4.17 10.11 -1.31
OXT SAM C . -3.85 9.45 -2.30
CB SAM C . -6.23 11.51 -1.20
CG SAM C . -6.54 11.71 0.27
SD SAM C . -8.31 11.93 0.59
CE SAM C . -9.00 10.48 -0.24
C5' SAM C . -8.82 13.24 -0.54
C4' SAM C . -8.15 14.58 -0.25
O4' SAM C . -8.72 15.54 -1.12
C3' SAM C . -8.35 15.10 1.16
O3' SAM C . -7.11 15.43 1.73
C2' SAM C . -9.11 16.41 1.01
O2' SAM C . -8.72 17.39 1.97
C1' SAM C . -8.79 16.78 -0.44
N9 SAM C . -9.87 17.62 -0.99
C8 SAM C . -11.22 17.49 -0.81
N7 SAM C . -11.82 18.50 -1.48
C5 SAM C . -10.87 19.25 -2.09
C6 SAM C . -10.94 20.39 -2.89
N6 SAM C . -12.10 20.94 -3.19
N1 SAM C . -9.76 20.91 -3.36
C2 SAM C . -8.53 20.37 -3.05
N3 SAM C . -8.48 19.24 -2.25
C4 SAM C . -9.64 18.71 -1.78
N SAM D . 8.32 -16.99 4.57
CA SAM D . 9.74 -17.26 4.45
C SAM D . 10.22 -17.23 3.00
O SAM D . 9.43 -16.99 2.08
OXT SAM D . 11.41 -17.43 2.73
CB SAM D . 10.14 -18.56 5.12
CG SAM D . 9.77 -19.81 4.35
SD SAM D . 10.70 -21.23 4.99
CE SAM D . 10.31 -22.44 3.72
C5' SAM D . 9.59 -21.84 6.27
C4' SAM D . 9.78 -21.12 7.61
O4' SAM D . 8.66 -21.40 8.41
C3' SAM D . 11.02 -21.57 8.38
O3' SAM D . 11.80 -20.45 8.73
C2' SAM D . 10.46 -22.24 9.62
O2' SAM D . 11.20 -22.01 10.81
C1' SAM D . 9.07 -21.64 9.73
N9 SAM D . 8.14 -22.56 10.41
C8 SAM D . 7.96 -23.90 10.20
N7 SAM D . 7.00 -24.34 11.05
C5 SAM D . 6.57 -23.28 11.79
C6 SAM D . 5.62 -23.16 12.79
N6 SAM D . 4.92 -24.23 13.20
N1 SAM D . 5.40 -21.93 13.36
C2 SAM D . 6.12 -20.82 12.94
N3 SAM D . 7.05 -20.95 11.95
C4 SAM D . 7.27 -22.15 11.38
#